data_6UQT
#
_entry.id   6UQT
#
_cell.length_a   44.773
_cell.length_b   71.398
_cell.length_c   105.073
_cell.angle_alpha   90.000
_cell.angle_beta   90.000
_cell.angle_gamma   90.000
#
_symmetry.space_group_name_H-M   'P 21 21 21'
#
loop_
_entity.id
_entity.type
_entity.pdbx_description
1 polymer Beta-lactamase
2 non-polymer '2-hydroxyethyl hydrogen (3-methoxyphenyl)boronate'
3 non-polymer 'CHLORIDE ION'
4 water water
#
_entity_poly.entity_id   1
_entity_poly.type   'polypeptide(L)'
_entity_poly.pdbx_seq_one_letter_code
;GSKLGEAPADRLKALVDAAVQPVMKANDIPGLAVAISLKGEPHYFSYGLASKEDGRRVTPETLFEIGSVSKTFTATLAGY
ALTQDKMRLDDRASQHWPALQGSRFDGISLLDLATYTAGGLPLQFPDSVQKDQAQIRDYYRQWQPTYAPGSQRLYSNPSI
GLFGYLAARSLGQPFERLMEQQVFPALGLEQTHLDVPEAALAQYAQGYGKDDRPLRVGPGPLDAEGYGVKTSAADLLRFV
DANLHPERLDRPWAQALDATHRGYYKVGDMTQGLGWEAYDWPISLKRLQAGNSTPMALQPHRIARLPAPQALEGQRLLNK
TGSTNGFGAYVAFVPGRDLGLVILANRNYPNAERVKIAYAILSGLEQQGKVPLKA
;
_entity_poly.pdbx_strand_id   A
#
# COMPACT_ATOMS: atom_id res chain seq x y z
N GLY A 5 26.34 21.67 13.26
CA GLY A 5 27.40 20.62 13.39
C GLY A 5 27.14 19.42 12.50
N GLU A 6 28.06 18.46 12.50
CA GLU A 6 27.87 17.19 11.77
C GLU A 6 27.19 16.12 12.62
N ALA A 7 26.97 16.39 13.91
CA ALA A 7 26.44 15.37 14.83
C ALA A 7 25.05 14.84 14.43
N PRO A 8 24.10 15.73 14.07
CA PRO A 8 22.77 15.28 13.67
C PRO A 8 22.75 14.34 12.46
N ALA A 9 23.49 14.71 11.41
CA ALA A 9 23.58 13.86 10.21
C ALA A 9 24.31 12.57 10.51
N ASP A 10 25.38 12.65 11.29
CA ASP A 10 26.10 11.45 11.74
C ASP A 10 25.18 10.56 12.58
N ARG A 11 24.43 11.17 13.51
CA ARG A 11 23.52 10.39 14.36
C ARG A 11 22.40 9.71 13.55
N LEU A 12 21.83 10.41 12.58
CA LEU A 12 20.76 9.83 11.77
C LEU A 12 21.30 8.69 10.93
N LYS A 13 22.45 8.88 10.30
CA LYS A 13 23.05 7.80 9.54
CA LYS A 13 23.13 7.82 9.55
C LYS A 13 23.37 6.62 10.47
N ALA A 14 23.92 6.88 11.66
CA ALA A 14 24.24 5.76 12.57
C ALA A 14 22.99 4.99 12.98
N LEU A 15 21.93 5.74 13.25
CA LEU A 15 20.63 5.17 13.64
C LEU A 15 20.03 4.30 12.52
N VAL A 16 20.01 4.84 11.31
CA VAL A 16 19.43 4.10 10.18
C VAL A 16 20.32 2.92 9.83
N ASP A 17 21.65 3.09 9.79
CA ASP A 17 22.56 1.95 9.58
C ASP A 17 22.36 0.85 10.62
N ALA A 18 22.24 1.25 11.87
CA ALA A 18 22.10 0.29 12.96
C ALA A 18 20.77 -0.48 12.85
N ALA A 19 19.72 0.18 12.36
CA ALA A 19 18.41 -0.47 12.16
C ALA A 19 18.44 -1.40 10.95
N VAL A 20 19.04 -0.95 9.85
CA VAL A 20 18.96 -1.63 8.57
C VAL A 20 19.97 -2.75 8.41
N GLN A 21 21.24 -2.49 8.75
CA GLN A 21 22.33 -3.41 8.38
C GLN A 21 22.15 -4.83 8.93
N PRO A 22 21.79 -4.98 10.22
CA PRO A 22 21.63 -6.35 10.69
C PRO A 22 20.44 -7.07 10.06
N VAL A 23 19.36 -6.33 9.75
CA VAL A 23 18.20 -6.94 9.16
C VAL A 23 18.49 -7.34 7.72
N MET A 24 19.25 -6.52 6.97
CA MET A 24 19.67 -6.96 5.62
C MET A 24 20.52 -8.23 5.62
N LYS A 25 21.49 -8.29 6.55
CA LYS A 25 22.33 -9.48 6.64
C LYS A 25 21.49 -10.67 7.02
N ALA A 26 20.63 -10.47 8.02
CA ALA A 26 19.86 -11.58 8.55
C ALA A 26 18.85 -12.17 7.55
N ASN A 27 18.36 -11.31 6.64
CA ASN A 27 17.38 -11.76 5.66
C ASN A 27 17.95 -11.85 4.25
N ASP A 28 19.29 -11.75 4.16
CA ASP A 28 20.03 -11.81 2.88
C ASP A 28 19.40 -10.90 1.81
N ILE A 29 19.17 -9.66 2.21
CA ILE A 29 18.49 -8.74 1.28
C ILE A 29 19.57 -8.13 0.39
N PRO A 30 19.43 -8.25 -0.94
CA PRO A 30 20.51 -7.71 -1.76
C PRO A 30 20.59 -6.18 -1.74
N GLY A 31 19.43 -5.52 -1.81
CA GLY A 31 19.38 -4.07 -1.87
C GLY A 31 18.17 -3.50 -1.14
N LEU A 32 18.37 -2.35 -0.53
CA LEU A 32 17.32 -1.75 0.28
C LEU A 32 17.47 -0.24 0.27
N ALA A 33 16.35 0.47 0.11
CA ALA A 33 16.32 1.92 0.14
C ALA A 33 15.42 2.39 1.25
N VAL A 34 15.93 3.32 2.06
CA VAL A 34 15.16 4.00 3.09
C VAL A 34 14.98 5.46 2.68
N ALA A 35 13.80 5.98 2.94
CA ALA A 35 13.59 7.43 2.85
C ALA A 35 12.80 7.83 4.07
N ILE A 36 13.18 8.95 4.70
CA ILE A 36 12.57 9.46 5.91
C ILE A 36 12.22 10.92 5.71
N SER A 37 11.01 11.29 6.10
CA SER A 37 10.61 12.69 6.13
C SER A 37 10.57 13.07 7.61
N LEU A 38 11.40 14.04 7.99
CA LEU A 38 11.59 14.44 9.39
C LEU A 38 11.62 15.96 9.42
N LYS A 39 10.76 16.58 10.23
CA LYS A 39 10.75 18.07 10.37
C LYS A 39 10.74 18.79 9.01
N GLY A 40 9.97 18.25 8.08
CA GLY A 40 9.78 18.82 6.76
C GLY A 40 10.90 18.65 5.76
N GLU A 41 11.83 17.74 6.03
CA GLU A 41 12.98 17.54 5.17
C GLU A 41 13.12 16.04 4.88
N PRO A 42 13.46 15.70 3.62
CA PRO A 42 13.68 14.30 3.24
C PRO A 42 15.12 13.86 3.48
N HIS A 43 15.29 12.60 3.82
CA HIS A 43 16.61 12.01 4.07
C HIS A 43 16.58 10.66 3.42
N TYR A 44 17.64 10.33 2.70
CA TYR A 44 17.71 9.06 1.97
C TYR A 44 18.92 8.26 2.38
N PHE A 45 18.75 6.94 2.50
CA PHE A 45 19.82 6.02 2.84
C PHE A 45 19.67 4.82 1.95
N SER A 46 20.69 4.51 1.16
CA SER A 46 20.63 3.45 0.17
C SER A 46 21.67 2.40 0.45
N TYR A 47 21.30 1.14 0.33
CA TYR A 47 22.14 0.03 0.73
C TYR A 47 22.17 -1.04 -0.32
N GLY A 48 23.36 -1.57 -0.60
CA GLY A 48 23.47 -2.74 -1.43
C GLY A 48 23.12 -2.55 -2.91
N LEU A 49 22.68 -3.66 -3.48
CA LEU A 49 22.59 -3.83 -4.90
C LEU A 49 21.16 -3.96 -5.40
N ALA A 50 20.88 -3.19 -6.43
CA ALA A 50 19.63 -3.31 -7.16
C ALA A 50 19.63 -4.56 -8.05
N SER A 51 20.80 -4.89 -8.58
CA SER A 51 21.03 -6.12 -9.32
C SER A 51 22.38 -6.69 -8.94
N LYS A 52 22.37 -7.91 -8.43
CA LYS A 52 23.60 -8.60 -8.05
C LYS A 52 24.44 -8.91 -9.26
N GLU A 53 23.80 -9.23 -10.38
CA GLU A 53 24.50 -9.74 -11.56
C GLU A 53 25.29 -8.67 -12.27
N ASP A 54 24.74 -7.46 -12.41
CA ASP A 54 25.49 -6.36 -13.06
C ASP A 54 26.11 -5.37 -12.07
N GLY A 55 25.89 -5.55 -10.77
CA GLY A 55 26.49 -4.70 -9.75
C GLY A 55 25.88 -3.32 -9.61
N ARG A 56 24.71 -3.09 -10.18
CA ARG A 56 24.04 -1.79 -10.09
C ARG A 56 23.65 -1.56 -8.62
N ARG A 57 24.04 -0.45 -8.06
CA ARG A 57 23.74 -0.13 -6.66
C ARG A 57 22.35 0.47 -6.52
N VAL A 58 21.73 0.28 -5.34
CA VAL A 58 20.48 0.97 -5.00
C VAL A 58 20.77 2.46 -4.78
N THR A 59 19.88 3.30 -5.28
CA THR A 59 19.88 4.71 -5.03
C THR A 59 18.44 5.12 -4.65
N PRO A 60 18.21 6.39 -4.27
CA PRO A 60 16.85 6.83 -4.00
C PRO A 60 15.94 6.88 -5.22
N GLU A 61 16.51 6.68 -6.42
CA GLU A 61 15.75 6.65 -7.66
CA GLU A 61 15.77 6.64 -7.68
C GLU A 61 15.54 5.24 -8.20
N THR A 62 16.14 4.24 -7.58
CA THR A 62 15.89 2.87 -7.98
C THR A 62 14.41 2.56 -7.86
N LEU A 63 13.84 1.89 -8.85
CA LEU A 63 12.44 1.45 -8.80
C LEU A 63 12.33 0.09 -8.17
N PHE A 64 11.43 -0.02 -7.20
CA PHE A 64 11.09 -1.28 -6.54
C PHE A 64 9.62 -1.55 -6.76
N GLU A 65 9.26 -2.82 -6.78
CA GLU A 65 7.85 -3.21 -6.68
C GLU A 65 7.44 -2.99 -5.24
N ILE A 66 6.29 -2.36 -5.05
CA ILE A 66 5.79 -2.10 -3.71
C ILE A 66 4.60 -2.98 -3.35
N GLY A 67 4.17 -3.85 -4.25
CA GLY A 67 3.11 -4.79 -3.95
C GLY A 67 1.88 -4.11 -3.40
N SER A 68 1.32 -4.65 -2.34
CA SER A 68 0.09 -4.13 -1.77
C SER A 68 0.16 -2.73 -1.18
N VAL A 69 1.33 -2.09 -1.07
CA VAL A 69 1.31 -0.64 -0.79
C VAL A 69 0.55 0.07 -1.91
N SER A 70 0.49 -0.55 -3.09
CA SER A 70 -0.33 -0.02 -4.20
C SER A 70 -1.77 0.23 -3.79
N LYS A 71 -2.29 -0.53 -2.85
CA LYS A 71 -3.67 -0.39 -2.41
CA LYS A 71 -3.68 -0.38 -2.39
C LYS A 71 -3.93 1.00 -1.83
N THR A 72 -2.91 1.67 -1.30
CA THR A 72 -3.09 3.04 -0.81
C THR A 72 -3.23 4.03 -1.97
N PHE A 73 -2.57 3.77 -3.10
CA PHE A 73 -2.81 4.56 -4.32
C PHE A 73 -4.20 4.31 -4.88
N THR A 74 -4.63 3.07 -4.89
CA THR A 74 -5.96 2.70 -5.33
C THR A 74 -7.01 3.37 -4.47
N ALA A 75 -6.78 3.37 -3.16
CA ALA A 75 -7.68 4.05 -2.21
C ALA A 75 -7.75 5.53 -2.51
N THR A 76 -6.64 6.15 -2.91
CA THR A 76 -6.63 7.59 -3.21
C THR A 76 -7.47 7.87 -4.46
N LEU A 77 -7.38 7.04 -5.48
CA LEU A 77 -8.26 7.20 -6.64
CA LEU A 77 -8.23 7.18 -6.66
C LEU A 77 -9.69 7.04 -6.24
N ALA A 78 -10.01 6.06 -5.42
CA ALA A 78 -11.38 5.91 -4.94
C ALA A 78 -11.80 7.12 -4.13
N GLY A 79 -10.89 7.66 -3.32
CA GLY A 79 -11.16 8.88 -2.56
C GLY A 79 -11.56 10.02 -3.47
N TYR A 80 -10.92 10.11 -4.62
CA TYR A 80 -11.25 11.11 -5.60
C TYR A 80 -12.65 10.85 -6.12
N ALA A 81 -12.97 9.64 -6.54
CA ALA A 81 -14.32 9.32 -7.05
C ALA A 81 -15.38 9.65 -5.99
N LEU A 82 -15.10 9.35 -4.74
CA LEU A 82 -16.03 9.53 -3.61
C LEU A 82 -16.33 10.98 -3.31
N THR A 83 -15.27 11.78 -3.22
CA THR A 83 -15.40 13.18 -2.85
C THR A 83 -15.81 14.06 -4.03
N GLN A 84 -15.78 13.50 -5.24
CA GLN A 84 -16.41 14.07 -6.44
C GLN A 84 -17.85 13.58 -6.73
N ASP A 85 -18.43 12.81 -5.83
CA ASP A 85 -19.83 12.33 -5.94
C ASP A 85 -20.15 11.41 -7.13
N LYS A 86 -19.17 10.64 -7.59
CA LYS A 86 -19.37 9.65 -8.61
C LYS A 86 -19.77 8.31 -8.02
N MET A 87 -19.47 8.12 -6.74
CA MET A 87 -19.90 6.93 -6.02
C MET A 87 -19.97 7.30 -4.56
N ARG A 88 -20.58 6.40 -3.79
CA ARG A 88 -20.66 6.51 -2.35
CA ARG A 88 -20.67 6.52 -2.34
C ARG A 88 -20.28 5.18 -1.71
N LEU A 89 -19.75 5.24 -0.52
CA LEU A 89 -19.25 4.01 0.14
C LEU A 89 -20.36 3.00 0.43
N ASP A 90 -21.60 3.48 0.62
CA ASP A 90 -22.75 2.57 0.80
C ASP A 90 -23.46 2.13 -0.50
N ASP A 91 -22.99 2.56 -1.66
CA ASP A 91 -23.50 1.99 -2.92
C ASP A 91 -23.29 0.47 -2.95
N ARG A 92 -24.21 -0.27 -3.56
CA ARG A 92 -23.99 -1.67 -3.89
C ARG A 92 -23.01 -1.77 -5.03
N ALA A 93 -22.15 -2.78 -4.99
CA ALA A 93 -21.13 -2.92 -6.00
C ALA A 93 -21.70 -3.00 -7.42
N SER A 94 -22.83 -3.68 -7.57
CA SER A 94 -23.45 -3.86 -8.88
C SER A 94 -23.99 -2.55 -9.48
N GLN A 95 -24.13 -1.51 -8.67
CA GLN A 95 -24.52 -0.18 -9.20
C GLN A 95 -23.52 0.33 -10.23
N HIS A 96 -22.26 -0.15 -10.17
CA HIS A 96 -21.18 0.38 -11.00
C HIS A 96 -20.64 -0.54 -12.09
N TRP A 97 -21.24 -1.72 -12.27
CA TRP A 97 -20.85 -2.64 -13.32
C TRP A 97 -22.05 -3.53 -13.66
N PRO A 98 -22.67 -3.32 -14.83
CA PRO A 98 -23.90 -4.06 -15.13
C PRO A 98 -23.73 -5.55 -15.15
N ALA A 99 -22.55 -6.02 -15.54
CA ALA A 99 -22.28 -7.44 -15.51
C ALA A 99 -22.52 -8.07 -14.14
N LEU A 100 -22.38 -7.29 -13.06
CA LEU A 100 -22.60 -7.77 -11.70
C LEU A 100 -24.05 -7.75 -11.23
N GLN A 101 -24.93 -7.08 -11.97
CA GLN A 101 -26.36 -7.11 -11.62
C GLN A 101 -26.91 -8.53 -11.66
N GLY A 102 -27.69 -8.86 -10.63
CA GLY A 102 -28.20 -10.21 -10.45
C GLY A 102 -27.30 -11.15 -9.68
N SER A 103 -26.05 -10.75 -9.44
CA SER A 103 -25.09 -11.55 -8.68
C SER A 103 -25.16 -11.18 -7.21
N ARG A 104 -24.34 -11.83 -6.38
CA ARG A 104 -24.35 -11.49 -4.95
C ARG A 104 -23.79 -10.10 -4.67
N PHE A 105 -23.13 -9.50 -5.66
CA PHE A 105 -22.69 -8.12 -5.53
C PHE A 105 -23.80 -7.07 -5.51
N ASP A 106 -25.03 -7.50 -5.77
CA ASP A 106 -26.20 -6.69 -5.46
C ASP A 106 -26.31 -6.37 -3.96
N GLY A 107 -25.75 -7.22 -3.08
CA GLY A 107 -25.86 -7.04 -1.63
C GLY A 107 -24.57 -6.74 -0.89
N ILE A 108 -23.58 -6.24 -1.63
CA ILE A 108 -22.26 -5.94 -1.07
C ILE A 108 -21.97 -4.49 -1.36
N SER A 109 -21.55 -3.75 -0.34
CA SER A 109 -21.25 -2.34 -0.53
C SER A 109 -19.84 -2.09 -1.00
N LEU A 110 -19.61 -0.89 -1.51
CA LEU A 110 -18.25 -0.50 -1.87
C LEU A 110 -17.35 -0.46 -0.63
N LEU A 111 -17.86 -0.03 0.50
CA LEU A 111 -17.06 -0.05 1.73
C LEU A 111 -16.62 -1.45 2.09
N ASP A 112 -17.53 -2.42 1.96
CA ASP A 112 -17.19 -3.81 2.23
C ASP A 112 -16.04 -4.26 1.35
N LEU A 113 -16.10 -3.95 0.05
CA LEU A 113 -15.00 -4.29 -0.83
C LEU A 113 -13.71 -3.63 -0.43
N ALA A 114 -13.76 -2.32 -0.15
CA ALA A 114 -12.56 -1.58 0.18
C ALA A 114 -11.85 -2.09 1.43
N THR A 115 -12.63 -2.57 2.39
CA THR A 115 -12.10 -2.92 3.72
C THR A 115 -12.18 -4.42 3.98
N TYR A 116 -12.31 -5.20 2.91
CA TYR A 116 -12.13 -6.66 2.98
C TYR A 116 -13.21 -7.37 3.78
N THR A 117 -14.40 -6.79 3.86
CA THR A 117 -15.48 -7.39 4.63
C THR A 117 -16.65 -7.82 3.78
N ALA A 118 -16.43 -8.13 2.51
CA ALA A 118 -17.56 -8.53 1.64
C ALA A 118 -18.10 -9.93 1.92
N GLY A 119 -17.36 -10.74 2.68
CA GLY A 119 -17.83 -12.06 3.10
C GLY A 119 -16.98 -13.19 2.61
N GLY A 120 -15.67 -12.99 2.57
CA GLY A 120 -14.75 -14.07 2.35
C GLY A 120 -14.17 -14.13 0.96
N LEU A 121 -14.16 -13.02 0.21
CA LEU A 121 -13.34 -12.98 -1.01
C LEU A 121 -11.90 -13.34 -0.61
N PRO A 122 -11.22 -14.19 -1.40
CA PRO A 122 -9.98 -14.79 -0.92
C PRO A 122 -8.78 -13.85 -1.07
N LEU A 123 -7.66 -14.25 -0.52
CA LEU A 123 -6.45 -13.42 -0.62
C LEU A 123 -6.11 -13.07 -2.05
N GLN A 124 -6.12 -14.09 -2.91
CA GLN A 124 -5.78 -13.96 -4.33
C GLN A 124 -6.90 -14.50 -5.18
N PHE A 125 -7.00 -13.99 -6.39
CA PHE A 125 -7.78 -14.67 -7.42
C PHE A 125 -7.22 -16.10 -7.54
N PRO A 126 -8.08 -17.09 -7.78
CA PRO A 126 -7.54 -18.43 -8.02
C PRO A 126 -6.67 -18.45 -9.29
N ASP A 127 -5.76 -19.41 -9.35
CA ASP A 127 -4.87 -19.53 -10.50
C ASP A 127 -5.64 -19.65 -11.82
N SER A 128 -6.87 -20.19 -11.77
CA SER A 128 -7.73 -20.32 -12.94
C SER A 128 -8.20 -19.01 -13.55
N VAL A 129 -8.08 -17.91 -12.83
CA VAL A 129 -8.51 -16.61 -13.36
C VAL A 129 -7.29 -15.86 -13.84
N GLN A 130 -7.19 -15.68 -15.15
CA GLN A 130 -6.10 -14.96 -15.76
C GLN A 130 -6.43 -13.46 -15.89
N LYS A 131 -5.46 -12.68 -16.36
CA LYS A 131 -5.66 -11.26 -16.56
C LYS A 131 -6.48 -11.08 -17.82
N ASP A 132 -7.78 -11.13 -17.65
CA ASP A 132 -8.69 -11.14 -18.78
C ASP A 132 -10.02 -10.66 -18.27
N GLN A 133 -10.57 -9.65 -18.95
CA GLN A 133 -11.85 -9.06 -18.56
C GLN A 133 -12.93 -10.11 -18.35
N ALA A 134 -13.10 -10.97 -19.36
CA ALA A 134 -14.15 -11.97 -19.32
C ALA A 134 -13.98 -12.94 -18.14
N GLN A 135 -12.77 -13.39 -17.88
CA GLN A 135 -12.54 -14.30 -16.76
C GLN A 135 -12.81 -13.66 -15.40
N ILE A 136 -12.47 -12.38 -15.28
CA ILE A 136 -12.68 -11.63 -14.04
C ILE A 136 -14.18 -11.40 -13.79
N ARG A 137 -14.87 -10.98 -14.86
CA ARG A 137 -16.34 -10.85 -14.91
C ARG A 137 -16.98 -12.14 -14.41
N ASP A 138 -16.58 -13.26 -15.00
CA ASP A 138 -17.21 -14.54 -14.69
C ASP A 138 -16.91 -14.95 -13.25
N TYR A 139 -15.70 -14.66 -12.78
CA TYR A 139 -15.35 -14.95 -11.39
C TYR A 139 -16.29 -14.25 -10.39
N TYR A 140 -16.49 -12.95 -10.54
CA TYR A 140 -17.33 -12.22 -9.61
C TYR A 140 -18.80 -12.59 -9.74
N ARG A 141 -19.27 -12.80 -10.98
CA ARG A 141 -20.67 -13.20 -11.17
C ARG A 141 -21.03 -14.47 -10.41
N GLN A 142 -20.10 -15.41 -10.30
CA GLN A 142 -20.36 -16.68 -9.67
C GLN A 142 -20.01 -16.75 -8.20
N TRP A 143 -19.32 -15.74 -7.67
CA TRP A 143 -18.85 -15.81 -6.30
C TRP A 143 -20.01 -15.68 -5.31
N GLN A 144 -19.95 -16.41 -4.19
CA GLN A 144 -20.96 -16.34 -3.14
C GLN A 144 -20.27 -16.14 -1.78
N PRO A 145 -20.79 -15.25 -0.92
CA PRO A 145 -20.17 -15.07 0.39
C PRO A 145 -20.16 -16.32 1.27
N THR A 146 -19.10 -16.49 2.03
CA THR A 146 -18.99 -17.52 3.07
C THR A 146 -19.68 -17.11 4.35
N TYR A 147 -19.73 -15.82 4.60
CA TYR A 147 -20.40 -15.27 5.79
C TYR A 147 -20.94 -13.89 5.44
N ALA A 148 -21.74 -13.34 6.35
CA ALA A 148 -22.49 -12.14 6.06
C ALA A 148 -21.54 -11.01 5.71
N PRO A 149 -21.83 -10.29 4.63
CA PRO A 149 -21.10 -9.07 4.37
C PRO A 149 -21.11 -8.13 5.58
N GLY A 150 -19.99 -7.47 5.85
CA GLY A 150 -19.86 -6.53 6.92
C GLY A 150 -19.49 -7.12 8.26
N SER A 151 -19.22 -8.43 8.34
CA SER A 151 -18.98 -9.09 9.62
C SER A 151 -17.55 -9.49 9.88
N GLN A 152 -16.85 -9.98 8.85
CA GLN A 152 -15.49 -10.47 9.03
C GLN A 152 -14.56 -9.88 8.00
N ARG A 153 -13.39 -9.50 8.49
CA ARG A 153 -12.31 -9.04 7.60
C ARG A 153 -11.47 -10.23 7.12
N LEU A 154 -11.34 -10.41 5.82
CA LEU A 154 -10.40 -11.38 5.26
C LEU A 154 -9.62 -10.62 4.19
N TYR A 155 -8.35 -10.36 4.45
CA TYR A 155 -7.54 -9.58 3.53
C TYR A 155 -7.60 -10.17 2.13
N SER A 156 -7.80 -9.33 1.12
CA SER A 156 -8.19 -9.82 -0.19
C SER A 156 -7.86 -8.88 -1.32
N ASN A 157 -7.09 -9.37 -2.27
CA ASN A 157 -6.84 -8.60 -3.50
C ASN A 157 -8.07 -8.50 -4.39
N PRO A 158 -8.80 -9.59 -4.64
CA PRO A 158 -10.04 -9.42 -5.39
C PRO A 158 -11.01 -8.44 -4.77
N SER A 159 -11.02 -8.30 -3.44
CA SER A 159 -11.95 -7.38 -2.78
C SER A 159 -11.61 -5.92 -3.08
N ILE A 160 -10.43 -5.49 -2.66
CA ILE A 160 -10.06 -4.10 -2.87
C ILE A 160 -9.75 -3.82 -4.34
N GLY A 161 -9.31 -4.83 -5.08
CA GLY A 161 -9.13 -4.70 -6.51
C GLY A 161 -10.45 -4.34 -7.21
N LEU A 162 -11.54 -5.00 -6.83
CA LEU A 162 -12.85 -4.65 -7.39
C LEU A 162 -13.25 -3.26 -6.98
N PHE A 163 -12.99 -2.87 -5.72
CA PHE A 163 -13.26 -1.53 -5.28
C PHE A 163 -12.59 -0.52 -6.21
N GLY A 164 -11.31 -0.70 -6.50
CA GLY A 164 -10.59 0.21 -7.38
C GLY A 164 -11.13 0.20 -8.80
N TYR A 165 -11.44 -0.98 -9.30
CA TYR A 165 -11.99 -1.10 -10.66
C TYR A 165 -13.34 -0.39 -10.76
N LEU A 166 -14.20 -0.55 -9.76
CA LEU A 166 -15.49 0.14 -9.74
C LEU A 166 -15.35 1.64 -9.59
N ALA A 167 -14.38 2.09 -8.80
CA ALA A 167 -14.09 3.51 -8.71
C ALA A 167 -13.73 4.07 -10.09
N ALA A 168 -12.88 3.37 -10.83
CA ALA A 168 -12.52 3.80 -12.18
C ALA A 168 -13.77 3.81 -13.08
N ARG A 169 -14.59 2.78 -13.03
CA ARG A 169 -15.82 2.76 -13.82
C ARG A 169 -16.67 3.94 -13.49
N SER A 170 -16.74 4.35 -12.22
CA SER A 170 -17.59 5.44 -11.79
C SER A 170 -17.10 6.75 -12.39
N LEU A 171 -15.79 6.83 -12.65
CA LEU A 171 -15.19 7.99 -13.25
C LEU A 171 -15.26 7.91 -14.79
N GLY A 172 -15.59 6.78 -15.38
CA GLY A 172 -15.77 6.66 -16.82
C GLY A 172 -14.50 6.41 -17.60
N GLN A 173 -13.42 5.98 -16.94
CA GLN A 173 -12.17 5.72 -17.64
C GLN A 173 -11.50 4.50 -17.04
N PRO A 174 -10.59 3.86 -17.78
CA PRO A 174 -9.86 2.74 -17.20
C PRO A 174 -9.00 3.15 -16.02
N PHE A 175 -8.91 2.23 -15.05
CA PHE A 175 -8.13 2.46 -13.85
C PHE A 175 -6.70 2.89 -14.15
N GLU A 176 -6.03 2.15 -15.02
CA GLU A 176 -4.62 2.42 -15.28
C GLU A 176 -4.40 3.79 -15.91
N ARG A 177 -5.34 4.20 -16.77
CA ARG A 177 -5.27 5.51 -17.41
C ARG A 177 -5.45 6.60 -16.38
N LEU A 178 -6.46 6.46 -15.51
CA LEU A 178 -6.66 7.45 -14.47
C LEU A 178 -5.44 7.62 -13.58
N MET A 179 -4.80 6.51 -13.24
CA MET A 179 -3.58 6.60 -12.40
CA MET A 179 -3.62 6.56 -12.38
C MET A 179 -2.46 7.32 -13.09
N GLU A 180 -2.20 6.98 -14.35
CA GLU A 180 -1.09 7.63 -15.08
C GLU A 180 -1.35 9.06 -15.46
N GLN A 181 -2.56 9.35 -15.84
CA GLN A 181 -2.87 10.64 -16.44
C GLN A 181 -3.37 11.63 -15.43
N GLN A 182 -3.94 11.17 -14.33
CA GLN A 182 -4.45 12.08 -13.31
C GLN A 182 -3.84 11.93 -11.92
N VAL A 183 -3.82 10.74 -11.36
CA VAL A 183 -3.42 10.59 -9.95
C VAL A 183 -1.94 10.87 -9.75
N PHE A 184 -1.08 10.18 -10.51
CA PHE A 184 0.35 10.38 -10.32
C PHE A 184 0.78 11.83 -10.60
N PRO A 185 0.29 12.45 -11.70
CA PRO A 185 0.63 13.88 -11.88
C PRO A 185 0.10 14.81 -10.76
N ALA A 186 -1.10 14.56 -10.27
CA ALA A 186 -1.66 15.38 -9.18
C ALA A 186 -0.81 15.31 -7.93
N LEU A 187 -0.18 14.16 -7.69
CA LEU A 187 0.67 13.93 -6.51
C LEU A 187 2.13 14.30 -6.76
N GLY A 188 2.46 14.75 -7.97
CA GLY A 188 3.83 15.15 -8.31
C GLY A 188 4.81 14.01 -8.49
N LEU A 189 4.30 12.86 -8.94
CA LEU A 189 5.07 11.64 -8.97
C LEU A 189 5.45 11.31 -10.42
N GLU A 190 6.73 11.48 -10.75
CA GLU A 190 7.21 11.20 -12.09
C GLU A 190 8.09 9.97 -12.15
N GLN A 191 8.31 9.32 -11.00
CA GLN A 191 9.09 8.09 -10.91
C GLN A 191 8.23 6.97 -10.35
N THR A 192 6.95 6.99 -10.68
CA THR A 192 5.96 6.06 -10.15
C THR A 192 5.16 5.51 -11.32
N HIS A 193 5.10 4.19 -11.46
CA HIS A 193 4.59 3.57 -12.69
C HIS A 193 3.76 2.36 -12.39
N LEU A 194 2.71 2.12 -13.17
CA LEU A 194 2.09 0.82 -13.28
C LEU A 194 2.77 -0.03 -14.32
N ASP A 195 3.23 0.59 -15.39
CA ASP A 195 3.89 -0.07 -16.51
C ASP A 195 5.17 0.72 -16.77
N VAL A 196 6.32 0.19 -16.35
CA VAL A 196 7.54 0.98 -16.33
C VAL A 196 7.95 1.27 -17.78
N PRO A 197 8.14 2.56 -18.10
CA PRO A 197 8.57 2.86 -19.49
C PRO A 197 9.89 2.19 -19.83
N GLU A 198 10.05 1.81 -21.09
CA GLU A 198 11.34 1.31 -21.60
C GLU A 198 12.50 2.21 -21.19
N ALA A 199 12.34 3.52 -21.25
CA ALA A 199 13.42 4.46 -20.92
C ALA A 199 13.81 4.48 -19.44
N ALA A 200 12.95 3.97 -18.57
CA ALA A 200 13.19 3.92 -17.13
C ALA A 200 13.59 2.52 -16.65
N LEU A 201 13.66 1.55 -17.53
CA LEU A 201 13.90 0.16 -17.13
C LEU A 201 15.25 -0.06 -16.48
N ALA A 202 16.25 0.75 -16.81
CA ALA A 202 17.56 0.66 -16.17
C ALA A 202 17.48 0.91 -14.67
N GLN A 203 16.45 1.62 -14.23
CA GLN A 203 16.21 1.86 -12.81
C GLN A 203 15.48 0.73 -12.10
N TYR A 204 14.91 -0.23 -12.80
CA TYR A 204 14.06 -1.25 -12.19
C TYR A 204 14.95 -2.30 -11.54
N ALA A 205 14.94 -2.35 -10.20
CA ALA A 205 15.71 -3.35 -9.50
C ALA A 205 15.28 -4.73 -9.88
N GLN A 206 16.20 -5.68 -9.74
CA GLN A 206 15.87 -7.09 -9.81
C GLN A 206 15.27 -7.52 -8.47
N GLY A 207 14.27 -8.39 -8.50
CA GLY A 207 13.77 -9.04 -7.30
C GLY A 207 14.42 -10.40 -7.14
N TYR A 208 14.54 -10.88 -5.91
CA TYR A 208 15.21 -12.16 -5.62
C TYR A 208 14.36 -13.04 -4.74
N GLY A 209 14.17 -14.30 -5.16
CA GLY A 209 13.48 -15.30 -4.35
C GLY A 209 14.39 -16.43 -3.86
N LYS A 210 13.77 -17.60 -3.68
CA LYS A 210 14.47 -18.85 -3.33
C LYS A 210 15.58 -19.16 -4.30
N ASP A 211 16.74 -19.54 -3.76
CA ASP A 211 17.95 -19.81 -4.55
C ASP A 211 18.38 -18.58 -5.36
N ASP A 212 17.99 -17.39 -4.88
CA ASP A 212 18.15 -16.15 -5.63
C ASP A 212 17.62 -16.18 -7.06
N ARG A 213 16.52 -16.89 -7.30
CA ARG A 213 15.89 -16.80 -8.63
C ARG A 213 15.42 -15.34 -8.83
N PRO A 214 15.56 -14.82 -10.06
CA PRO A 214 15.18 -13.45 -10.36
C PRO A 214 13.68 -13.41 -10.54
N LEU A 215 13.06 -12.38 -9.96
CA LEU A 215 11.61 -12.28 -9.92
C LEU A 215 11.15 -10.87 -10.07
N ARG A 216 10.52 -10.59 -11.21
CA ARG A 216 9.78 -9.35 -11.40
CA ARG A 216 9.77 -9.36 -11.42
C ARG A 216 8.34 -9.74 -11.68
N VAL A 217 7.42 -8.95 -11.16
CA VAL A 217 6.02 -9.34 -11.18
C VAL A 217 5.44 -9.43 -12.58
N GLY A 218 4.70 -10.51 -12.80
CA GLY A 218 4.05 -10.74 -14.07
C GLY A 218 2.59 -10.32 -14.03
N PRO A 219 1.95 -10.32 -15.19
CA PRO A 219 0.56 -9.93 -15.29
C PRO A 219 -0.38 -10.82 -14.48
N GLY A 220 -1.39 -10.19 -13.89
CA GLY A 220 -2.43 -10.90 -13.18
C GLY A 220 -3.71 -10.09 -13.12
N PRO A 221 -4.83 -10.77 -12.80
CA PRO A 221 -6.11 -10.07 -12.74
C PRO A 221 -6.14 -8.97 -11.66
N LEU A 222 -6.56 -7.79 -12.08
CA LEU A 222 -6.56 -6.58 -11.26
C LEU A 222 -5.23 -6.34 -10.57
N ASP A 223 -4.16 -6.61 -11.29
CA ASP A 223 -2.81 -6.36 -10.78
C ASP A 223 -2.59 -4.86 -10.55
N ALA A 224 -3.07 -3.99 -11.42
CA ALA A 224 -2.82 -2.58 -11.24
C ALA A 224 -3.43 -2.08 -9.92
N GLU A 225 -4.67 -2.45 -9.69
CA GLU A 225 -5.42 -2.04 -8.51
C GLU A 225 -4.84 -2.61 -7.22
N GLY A 226 -4.40 -3.86 -7.27
CA GLY A 226 -3.98 -4.57 -6.08
C GLY A 226 -2.54 -4.41 -5.72
N TYR A 227 -1.65 -4.44 -6.70
CA TYR A 227 -0.23 -4.59 -6.37
C TYR A 227 0.69 -4.13 -7.44
N GLY A 228 0.24 -3.26 -8.33
CA GLY A 228 0.98 -3.00 -9.55
C GLY A 228 1.98 -1.87 -9.57
N VAL A 229 2.13 -1.07 -8.52
CA VAL A 229 3.00 0.08 -8.58
C VAL A 229 4.47 -0.30 -8.44
N LYS A 230 5.30 0.33 -9.27
CA LYS A 230 6.76 0.34 -9.13
C LYS A 230 7.13 1.78 -8.94
N THR A 231 7.92 2.06 -7.91
CA THR A 231 8.30 3.42 -7.59
C THR A 231 9.63 3.44 -6.87
N SER A 232 10.19 4.63 -6.77
CA SER A 232 11.44 4.83 -6.05
C SER A 232 11.20 5.22 -4.61
N ALA A 233 12.19 5.09 -3.74
CA ALA A 233 12.03 5.54 -2.38
C ALA A 233 11.75 7.04 -2.34
N ALA A 234 12.39 7.83 -3.21
CA ALA A 234 12.14 9.24 -3.24
C ALA A 234 10.68 9.56 -3.61
N ASP A 235 10.12 8.91 -4.64
CA ASP A 235 8.73 9.16 -4.99
C ASP A 235 7.78 8.66 -3.93
N LEU A 236 8.05 7.49 -3.34
CA LEU A 236 7.12 7.01 -2.33
C LEU A 236 7.11 7.91 -1.12
N LEU A 237 8.26 8.51 -0.79
CA LEU A 237 8.28 9.50 0.27
C LEU A 237 7.50 10.77 -0.10
N ARG A 238 7.54 11.16 -1.37
CA ARG A 238 6.71 12.28 -1.80
C ARG A 238 5.24 11.94 -1.57
N PHE A 239 4.82 10.69 -1.83
CA PHE A 239 3.45 10.29 -1.55
C PHE A 239 3.16 10.30 -0.05
N VAL A 240 4.09 9.87 0.77
CA VAL A 240 3.94 9.98 2.21
C VAL A 240 3.79 11.44 2.64
N ASP A 241 4.60 12.31 2.07
CA ASP A 241 4.51 13.74 2.41
C ASP A 241 3.17 14.34 1.98
N ALA A 242 2.62 13.87 0.86
CA ALA A 242 1.26 14.29 0.48
C ALA A 242 0.23 13.81 1.52
N ASN A 243 0.41 12.60 2.05
CA ASN A 243 -0.43 12.09 3.10
C ASN A 243 -0.28 12.86 4.40
N LEU A 244 0.92 13.29 4.72
CA LEU A 244 1.16 14.11 5.93
C LEU A 244 0.61 15.52 5.78
N HIS A 245 0.50 16.02 4.56
CA HIS A 245 0.06 17.39 4.30
C HIS A 245 -0.88 17.50 3.11
N PRO A 246 -2.08 16.90 3.19
CA PRO A 246 -2.98 16.94 2.03
C PRO A 246 -3.35 18.37 1.66
N GLU A 247 -3.33 19.28 2.65
CA GLU A 247 -3.63 20.70 2.39
C GLU A 247 -2.72 21.39 1.43
N ARG A 248 -1.58 20.79 1.12
CA ARG A 248 -0.64 21.37 0.14
C ARG A 248 -1.02 21.05 -1.30
N LEU A 249 -2.00 20.17 -1.51
CA LEU A 249 -2.46 19.83 -2.84
C LEU A 249 -3.69 20.62 -3.18
N ASP A 250 -3.94 20.71 -4.49
CA ASP A 250 -5.17 21.26 -5.01
C ASP A 250 -6.35 20.54 -4.34
N ARG A 251 -7.39 21.28 -3.97
CA ARG A 251 -8.41 20.80 -3.03
C ARG A 251 -9.08 19.46 -3.38
N PRO A 252 -9.39 19.21 -4.68
CA PRO A 252 -9.96 17.90 -4.99
C PRO A 252 -9.05 16.71 -4.61
N TRP A 253 -7.75 16.90 -4.73
CA TRP A 253 -6.80 15.86 -4.38
C TRP A 253 -6.53 15.87 -2.90
N ALA A 254 -6.57 17.02 -2.21
CA ALA A 254 -6.52 17.03 -0.78
C ALA A 254 -7.64 16.21 -0.20
N GLN A 255 -8.86 16.36 -0.69
CA GLN A 255 -10.00 15.62 -0.22
C GLN A 255 -9.85 14.12 -0.48
N ALA A 256 -9.30 13.78 -1.64
CA ALA A 256 -9.08 12.38 -1.98
C ALA A 256 -8.12 11.72 -0.99
N LEU A 257 -7.04 12.40 -0.64
CA LEU A 257 -6.11 11.89 0.37
C LEU A 257 -6.76 11.80 1.74
N ASP A 258 -7.53 12.81 2.11
CA ASP A 258 -8.23 12.80 3.41
C ASP A 258 -9.16 11.60 3.53
N ALA A 259 -9.78 11.20 2.44
CA ALA A 259 -10.68 10.05 2.45
C ALA A 259 -9.97 8.75 2.83
N THR A 260 -8.64 8.69 2.67
CA THR A 260 -7.86 7.50 3.06
C THR A 260 -7.43 7.57 4.52
N HIS A 261 -7.84 8.61 5.25
CA HIS A 261 -7.46 8.80 6.65
C HIS A 261 -8.70 8.72 7.53
N ARG A 262 -9.58 7.78 7.23
CA ARG A 262 -10.83 7.58 7.95
C ARG A 262 -10.96 6.11 8.33
N GLY A 263 -11.10 5.85 9.62
CA GLY A 263 -11.21 4.48 10.10
C GLY A 263 -12.64 4.00 10.24
N TYR A 264 -12.92 2.78 9.89
CA TYR A 264 -14.27 2.23 9.86
C TYR A 264 -14.53 1.14 10.92
N TYR A 265 -13.51 0.40 11.30
CA TYR A 265 -13.65 -0.68 12.28
C TYR A 265 -12.29 -1.01 12.84
N LYS A 266 -12.26 -1.77 13.94
CA LYS A 266 -11.02 -2.27 14.49
C LYS A 266 -10.97 -3.78 14.47
N VAL A 267 -9.76 -4.30 14.30
CA VAL A 267 -9.43 -5.70 14.56
C VAL A 267 -8.22 -5.65 15.47
N GLY A 268 -8.36 -6.09 16.71
CA GLY A 268 -7.27 -5.98 17.66
C GLY A 268 -6.84 -4.54 17.82
N ASP A 269 -5.55 -4.31 17.65
CA ASP A 269 -5.00 -2.96 17.78
C ASP A 269 -5.09 -2.12 16.51
N MET A 270 -5.56 -2.72 15.43
CA MET A 270 -5.54 -2.08 14.12
C MET A 270 -6.89 -1.48 13.78
N THR A 271 -6.89 -0.23 13.30
CA THR A 271 -8.08 0.44 12.76
C THR A 271 -7.95 0.51 11.25
N GLN A 272 -8.96 -0.02 10.55
CA GLN A 272 -8.90 -0.14 9.09
C GLN A 272 -9.45 1.09 8.40
N GLY A 273 -8.62 1.74 7.57
CA GLY A 273 -9.09 2.78 6.68
C GLY A 273 -9.17 2.26 5.26
N LEU A 274 -9.25 3.19 4.30
CA LEU A 274 -9.17 2.82 2.89
C LEU A 274 -7.69 2.75 2.55
N GLY A 275 -7.19 1.54 2.35
CA GLY A 275 -5.79 1.30 2.13
C GLY A 275 -4.98 1.26 3.42
N TRP A 276 -4.88 2.40 4.09
CA TRP A 276 -4.07 2.52 5.29
C TRP A 276 -4.68 1.74 6.46
N GLU A 277 -3.79 1.20 7.29
CA GLU A 277 -4.11 0.51 8.55
C GLU A 277 -3.44 1.30 9.66
N ALA A 278 -4.18 1.60 10.74
CA ALA A 278 -3.69 2.50 11.77
C ALA A 278 -3.61 1.87 13.15
N TYR A 279 -2.66 2.38 13.92
CA TYR A 279 -2.40 1.98 15.31
C TYR A 279 -2.28 3.22 16.15
N ASP A 280 -2.62 3.09 17.43
CA ASP A 280 -2.25 4.12 18.39
C ASP A 280 -0.73 4.21 18.47
N TRP A 281 -0.20 5.40 18.76
CA TRP A 281 1.23 5.60 18.80
C TRP A 281 1.56 6.43 20.03
N PRO A 282 2.44 5.97 20.92
CA PRO A 282 3.23 4.74 20.82
C PRO A 282 2.45 3.46 21.09
N ILE A 283 3.00 2.37 20.57
CA ILE A 283 2.55 1.02 20.88
C ILE A 283 3.81 0.16 20.83
N SER A 284 3.80 -1.01 21.45
CA SER A 284 4.98 -1.86 21.48
C SER A 284 5.32 -2.37 20.07
N LEU A 285 6.59 -2.69 19.88
CA LEU A 285 7.01 -3.37 18.66
C LEU A 285 6.27 -4.68 18.48
N LYS A 286 6.16 -5.50 19.53
CA LYS A 286 5.45 -6.74 19.36
C LYS A 286 4.01 -6.57 18.89
N ARG A 287 3.31 -5.57 19.40
CA ARG A 287 1.93 -5.32 18.95
C ARG A 287 1.86 -4.87 17.48
N LEU A 288 2.82 -4.05 17.07
CA LEU A 288 2.82 -3.58 15.68
C LEU A 288 3.18 -4.76 14.77
N GLN A 289 4.09 -5.63 15.21
CA GLN A 289 4.37 -6.86 14.45
C GLN A 289 3.13 -7.75 14.35
N ALA A 290 2.39 -7.89 15.45
CA ALA A 290 1.22 -8.74 15.47
C ALA A 290 0.14 -8.23 14.53
N GLY A 291 -0.03 -6.90 14.47
CA GLY A 291 -0.97 -6.33 13.52
C GLY A 291 -0.58 -6.54 12.06
N ASN A 292 0.69 -6.74 11.82
CA ASN A 292 1.25 -6.99 10.49
C ASN A 292 1.70 -8.42 10.31
N SER A 293 1.03 -9.35 11.00
CA SER A 293 1.46 -10.75 11.02
C SER A 293 0.80 -11.56 9.92
N THR A 294 1.29 -12.79 9.76
CA THR A 294 0.76 -13.69 8.75
C THR A 294 -0.72 -14.02 9.01
N PRO A 295 -1.10 -14.29 10.28
CA PRO A 295 -2.54 -14.52 10.49
C PRO A 295 -3.46 -13.32 10.11
N MET A 296 -2.98 -12.10 10.29
CA MET A 296 -3.76 -10.94 9.82
C MET A 296 -3.95 -10.88 8.34
N ALA A 297 -3.01 -11.44 7.58
CA ALA A 297 -3.14 -11.49 6.15
C ALA A 297 -3.94 -12.66 5.67
N LEU A 298 -3.90 -13.80 6.40
CA LEU A 298 -4.42 -15.05 5.87
C LEU A 298 -5.70 -15.58 6.51
N GLN A 299 -6.10 -15.05 7.66
CA GLN A 299 -7.23 -15.60 8.41
C GLN A 299 -8.33 -14.58 8.56
N PRO A 300 -9.59 -15.02 8.62
CA PRO A 300 -10.67 -14.06 8.87
C PRO A 300 -10.68 -13.58 10.32
N HIS A 301 -11.10 -12.34 10.55
CA HIS A 301 -11.26 -11.81 11.89
C HIS A 301 -12.56 -11.06 11.99
N ARG A 302 -13.31 -11.30 13.07
CA ARG A 302 -14.50 -10.52 13.32
C ARG A 302 -14.14 -9.07 13.57
N ILE A 303 -14.90 -8.15 13.01
CA ILE A 303 -14.60 -6.71 13.15
C ILE A 303 -15.38 -6.11 14.32
N ALA A 304 -14.85 -5.02 14.88
CA ALA A 304 -15.57 -4.19 15.83
C ALA A 304 -15.83 -2.86 15.12
N ARG A 305 -17.05 -2.70 14.61
CA ARG A 305 -17.37 -1.54 13.79
C ARG A 305 -17.43 -0.29 14.65
N LEU A 306 -16.93 0.83 14.14
CA LEU A 306 -16.98 2.08 14.88
C LEU A 306 -18.35 2.72 14.68
N PRO A 307 -18.85 3.46 15.69
CA PRO A 307 -20.15 4.17 15.60
C PRO A 307 -20.21 5.21 14.47
N ALA A 308 -19.06 5.78 14.12
CA ALA A 308 -18.96 6.70 13.02
C ALA A 308 -17.52 6.63 12.50
N PRO A 309 -17.28 7.03 11.24
CA PRO A 309 -15.88 6.99 10.80
C PRO A 309 -14.97 7.84 11.68
N GLN A 310 -13.77 7.36 11.94
CA GLN A 310 -12.85 8.01 12.87
C GLN A 310 -11.69 8.67 12.12
N ALA A 311 -11.34 9.90 12.46
CA ALA A 311 -10.21 10.58 11.81
C ALA A 311 -8.91 9.89 12.20
N LEU A 312 -8.12 9.46 11.21
CA LEU A 312 -6.85 8.76 11.46
C LEU A 312 -5.74 9.77 11.44
N GLU A 313 -5.53 10.46 12.56
CA GLU A 313 -4.60 11.55 12.63
C GLU A 313 -4.09 11.67 14.06
N GLY A 314 -3.25 12.66 14.32
CA GLY A 314 -2.70 12.83 15.67
C GLY A 314 -1.74 11.71 16.04
N GLN A 315 -1.92 11.16 17.23
CA GLN A 315 -0.97 10.20 17.82
C GLN A 315 -1.29 8.79 17.37
N ARG A 316 -1.06 8.60 16.09
CA ARG A 316 -1.33 7.33 15.39
C ARG A 316 -0.22 7.06 14.42
N LEU A 317 0.01 5.77 14.17
CA LEU A 317 0.89 5.32 13.11
CA LEU A 317 0.91 5.29 13.13
C LEU A 317 0.02 4.68 12.04
N LEU A 318 0.10 5.22 10.82
CA LEU A 318 -0.60 4.64 9.64
C LEU A 318 0.47 3.87 8.87
N ASN A 319 0.11 2.70 8.39
CA ASN A 319 1.09 1.87 7.70
C ASN A 319 0.49 0.99 6.66
N LYS A 320 1.36 0.44 5.81
CA LYS A 320 0.96 -0.64 4.92
C LYS A 320 2.22 -1.42 4.51
N THR A 321 2.12 -2.74 4.58
CA THR A 321 3.11 -3.64 3.97
C THR A 321 2.73 -3.94 2.55
N GLY A 322 3.75 -4.26 1.76
CA GLY A 322 3.49 -4.74 0.40
C GLY A 322 4.52 -5.73 -0.02
N SER A 323 4.08 -6.77 -0.71
CA SER A 323 4.96 -7.87 -1.13
C SER A 323 4.60 -8.34 -2.52
N THR A 324 5.64 -8.71 -3.25
CA THR A 324 5.48 -9.48 -4.47
C THR A 324 6.44 -10.66 -4.28
N ASN A 325 6.51 -11.55 -5.27
CA ASN A 325 7.39 -12.71 -5.07
C ASN A 325 8.84 -12.30 -4.86
N GLY A 326 9.29 -11.20 -5.45
CA GLY A 326 10.65 -10.77 -5.35
C GLY A 326 10.96 -9.56 -4.47
N PHE A 327 9.94 -8.91 -3.89
CA PHE A 327 10.12 -7.62 -3.22
C PHE A 327 9.32 -7.53 -1.93
N GLY A 328 9.82 -6.69 -1.04
CA GLY A 328 9.18 -6.43 0.25
C GLY A 328 9.31 -4.96 0.61
N ALA A 329 8.14 -4.32 0.76
CA ALA A 329 8.02 -2.89 1.04
C ALA A 329 7.27 -2.65 2.35
N TYR A 330 7.56 -1.51 2.94
CA TYR A 330 6.81 -1.06 4.13
C TYR A 330 6.82 0.44 4.15
N VAL A 331 5.67 1.03 4.48
CA VAL A 331 5.54 2.48 4.63
C VAL A 331 4.81 2.74 5.93
N ALA A 332 5.29 3.74 6.67
CA ALA A 332 4.64 4.14 7.92
C ALA A 332 4.76 5.64 8.10
N PHE A 333 3.75 6.25 8.66
CA PHE A 333 3.82 7.68 8.99
C PHE A 333 3.00 8.00 10.21
N VAL A 334 3.40 9.07 10.88
CA VAL A 334 2.76 9.51 12.12
C VAL A 334 2.25 10.94 11.86
N PRO A 335 0.95 11.09 11.55
CA PRO A 335 0.41 12.40 11.19
C PRO A 335 0.75 13.48 12.22
N GLY A 336 0.61 13.18 13.50
CA GLY A 336 0.79 14.20 14.53
C GLY A 336 2.21 14.59 14.81
N ARG A 337 3.18 13.90 14.20
CA ARG A 337 4.58 14.21 14.37
C ARG A 337 5.26 14.62 13.08
N ASP A 338 4.53 14.73 11.98
CA ASP A 338 5.13 15.14 10.71
C ASP A 338 6.32 14.23 10.37
N LEU A 339 6.09 12.93 10.51
CA LEU A 339 7.14 11.94 10.39
CA LEU A 339 7.14 11.90 10.41
C LEU A 339 6.68 10.85 9.43
N GLY A 340 7.52 10.51 8.48
CA GLY A 340 7.20 9.47 7.49
C GLY A 340 8.41 8.65 7.16
N LEU A 341 8.16 7.40 6.79
CA LEU A 341 9.22 6.46 6.52
C LEU A 341 8.82 5.50 5.42
N VAL A 342 9.78 5.17 4.56
CA VAL A 342 9.63 4.21 3.49
C VAL A 342 10.83 3.26 3.53
N ILE A 343 10.56 1.95 3.41
CA ILE A 343 11.63 0.93 3.40
C ILE A 343 11.31 -0.01 2.25
N LEU A 344 12.12 0.03 1.20
CA LEU A 344 11.90 -0.78 0.00
C LEU A 344 13.04 -1.76 -0.20
N ALA A 345 12.73 -3.04 -0.36
CA ALA A 345 13.76 -4.05 -0.56
C ALA A 345 13.43 -4.92 -1.75
N ASN A 346 14.48 -5.54 -2.30
CA ASN A 346 14.36 -6.49 -3.43
C ASN A 346 14.50 -7.93 -2.99
N ARG A 347 13.99 -8.22 -1.79
CA ARG A 347 13.61 -9.58 -1.39
C ARG A 347 12.29 -9.44 -0.61
N ASN A 348 11.40 -10.41 -0.78
CA ASN A 348 10.22 -10.53 0.07
C ASN A 348 10.65 -11.16 1.38
N TYR A 349 10.96 -10.35 2.35
CA TYR A 349 11.43 -10.79 3.66
C TYR A 349 10.33 -10.55 4.68
N PRO A 350 10.35 -11.21 5.83
CA PRO A 350 9.16 -11.20 6.69
C PRO A 350 8.71 -9.82 7.14
N ASN A 351 7.40 -9.65 7.18
CA ASN A 351 6.82 -8.36 7.65
C ASN A 351 7.40 -7.97 9.00
N ALA A 352 7.58 -8.96 9.91
CA ALA A 352 8.08 -8.64 11.25
C ALA A 352 9.43 -7.94 11.23
N GLU A 353 10.25 -8.30 10.25
CA GLU A 353 11.57 -7.74 10.08
C GLU A 353 11.52 -6.32 9.50
N ARG A 354 10.54 -6.08 8.60
CA ARG A 354 10.33 -4.73 8.07
C ARG A 354 9.95 -3.77 9.18
N VAL A 355 9.02 -4.26 10.02
CA VAL A 355 8.53 -3.48 11.14
C VAL A 355 9.66 -3.24 12.16
N LYS A 356 10.53 -4.24 12.34
CA LYS A 356 11.70 -4.09 13.23
C LYS A 356 12.60 -2.93 12.79
N ILE A 357 12.88 -2.83 11.50
CA ILE A 357 13.70 -1.71 11.00
C ILE A 357 12.96 -0.40 11.29
N ALA A 358 11.68 -0.34 10.92
CA ALA A 358 10.92 0.90 11.09
C ALA A 358 10.88 1.33 12.54
N TYR A 359 10.66 0.38 13.41
CA TYR A 359 10.49 0.68 14.85
C TYR A 359 11.78 1.17 15.44
N ALA A 360 12.91 0.61 15.04
CA ALA A 360 14.19 1.09 15.51
C ALA A 360 14.43 2.51 15.07
N ILE A 361 14.06 2.86 13.84
CA ILE A 361 14.26 4.21 13.36
C ILE A 361 13.35 5.17 14.12
N LEU A 362 12.07 4.83 14.22
CA LEU A 362 11.12 5.69 14.95
C LEU A 362 11.49 5.85 16.41
N SER A 363 11.91 4.76 17.05
CA SER A 363 12.37 4.79 18.46
C SER A 363 13.52 5.73 18.64
N GLY A 364 14.54 5.57 17.78
CA GLY A 364 15.73 6.40 17.81
C GLY A 364 15.47 7.87 17.58
N LEU A 365 14.51 8.20 16.73
CA LEU A 365 14.12 9.61 16.50
C LEU A 365 13.41 10.21 17.73
N GLU A 366 12.63 9.40 18.45
CA GLU A 366 12.03 9.80 19.73
C GLU A 366 13.09 10.16 20.79
N GLN A 367 14.24 9.49 20.75
CA GLN A 367 15.40 9.82 21.61
C GLN A 367 16.47 10.55 20.83
#